data_8A1B
#
_entry.id   8A1B
#
_cell.length_a   40.166
_cell.length_b   80.628
_cell.length_c   90.575
_cell.angle_alpha   90.000
_cell.angle_beta   90.000
_cell.angle_gamma   90.000
#
_symmetry.space_group_name_H-M   'P 21 21 21'
#
loop_
_entity.id
_entity.type
_entity.pdbx_description
1 polymer TraI
2 non-polymer GLYCEROL
3 non-polymer 'CHLORIDE ION'
4 non-polymer 'MANGANESE (II) ION'
5 water water
#
_entity_poly.entity_id   1
_entity_poly.type   'polypeptide(L)'
_entity_poly.pdbx_seq_one_letter_code
;MLDITTITRQNVTSVVGYYSDAKDDYYSKDSSFTSWQGTGAEALGLSGDVESARFKELLVGEIDTFTHMQRHVGDAKKER
LGYDLTFSAPKGVSMQALIHGDKTIIEAHEKAVAAAVREAEKLAQARTTRQGKSVTQNTNNLVVATFRHETSRALDPDLH
THAFVMNMTQREDGQWRALKNDELMRNKMHLGDVYKQELALELTKAGYELRYNSKNNTFDMAHFSDEQIRAFSRRSEQIE
KGLAAMGLTRETADAQTKSRVSMATREKKTEHSREEIHQEWASRAKTLGIDFDNREWQGALEVLFQ
;
_entity_poly.pdbx_strand_id   A
#
loop_
_chem_comp.id
_chem_comp.type
_chem_comp.name
_chem_comp.formula
CL non-polymer 'CHLORIDE ION' 'Cl -1'
GOL non-polymer GLYCEROL 'C3 H8 O3'
MN non-polymer 'MANGANESE (II) ION' 'Mn 2'
#
# COMPACT_ATOMS: atom_id res chain seq x y z
N MET A 1 -6.03 -2.01 -5.36
CA MET A 1 -5.35 -3.33 -5.31
C MET A 1 -4.83 -3.51 -3.88
N LEU A 2 -4.98 -4.69 -3.30
CA LEU A 2 -4.53 -4.99 -1.95
C LEU A 2 -3.83 -6.32 -1.96
N ASP A 3 -2.60 -6.34 -1.47
CA ASP A 3 -1.86 -7.56 -1.23
C ASP A 3 -1.59 -7.65 0.27
N ILE A 4 -1.56 -8.86 0.81
CA ILE A 4 -1.27 -9.10 2.22
C ILE A 4 -0.05 -10.00 2.31
N THR A 5 0.96 -9.55 3.05
CA THR A 5 2.20 -10.29 3.26
C THR A 5 2.38 -10.45 4.76
N THR A 6 2.52 -11.70 5.22
CA THR A 6 2.84 -11.97 6.62
C THR A 6 4.32 -11.76 6.88
N ILE A 7 4.63 -10.94 7.90
CA ILE A 7 6.01 -10.67 8.29
C ILE A 7 6.29 -11.46 9.55
N THR A 8 7.30 -12.34 9.48
CA THR A 8 7.76 -13.18 10.56
C THR A 8 9.20 -12.82 10.95
N ARG A 9 9.67 -13.43 12.02
CA ARG A 9 11.07 -13.28 12.38
C ARG A 9 11.98 -13.68 11.24
N GLN A 10 11.55 -14.67 10.46
CA GLN A 10 12.35 -15.19 9.36
C GLN A 10 12.53 -14.17 8.23
N ASN A 11 11.50 -13.38 7.90
CA ASN A 11 11.56 -12.48 6.75
C ASN A 11 11.50 -11.02 7.17
N VAL A 12 11.83 -10.71 8.43
CA VAL A 12 11.65 -9.33 8.90
C VAL A 12 12.56 -8.37 8.13
N THR A 13 13.70 -8.83 7.60
CA THR A 13 14.52 -7.85 6.89
C THR A 13 13.86 -7.36 5.60
N SER A 14 12.75 -7.97 5.18
CA SER A 14 12.06 -7.47 4.01
C SER A 14 11.42 -6.10 4.22
N VAL A 15 11.30 -5.60 5.46
CA VAL A 15 10.73 -4.27 5.71
C VAL A 15 11.81 -3.18 5.84
N VAL A 16 13.06 -3.49 5.51
CA VAL A 16 14.18 -2.58 5.80
C VAL A 16 14.01 -1.23 5.10
N GLY A 17 13.28 -1.19 4.00
CA GLY A 17 13.07 0.03 3.25
C GLY A 17 11.80 0.79 3.58
N TYR A 18 11.12 0.46 4.66
CA TYR A 18 9.86 1.15 4.92
C TYR A 18 10.05 2.66 4.99
N TYR A 19 11.19 3.13 5.52
CA TYR A 19 11.45 4.57 5.50
C TYR A 19 12.26 4.99 4.28
N SER A 20 13.34 4.26 3.96
CA SER A 20 14.26 4.74 2.92
C SER A 20 13.65 4.70 1.52
N ASP A 21 12.65 3.86 1.28
CA ASP A 21 12.05 3.84 -0.06
C ASP A 21 11.32 5.13 -0.38
N ALA A 22 11.06 5.96 0.62
CA ALA A 22 10.42 7.24 0.42
C ALA A 22 11.43 8.37 0.26
N LYS A 23 12.74 8.08 0.30
CA LYS A 23 13.78 9.09 0.45
C LYS A 23 13.59 10.32 -0.43
N ASP A 24 13.41 10.12 -1.73
CA ASP A 24 13.37 11.21 -2.69
C ASP A 24 11.96 11.46 -3.24
N ASP A 25 10.95 11.07 -2.47
CA ASP A 25 9.59 11.22 -2.94
C ASP A 25 9.17 12.68 -2.95
N TYR A 26 8.26 13.01 -3.89
CA TYR A 26 7.87 14.40 -4.12
C TYR A 26 6.96 14.89 -3.00
N TYR A 27 5.94 14.12 -2.64
CA TYR A 27 4.90 14.61 -1.75
C TYR A 27 5.21 14.45 -0.28
N SER A 28 6.37 13.89 0.06
CA SER A 28 6.79 13.76 1.45
C SER A 28 8.13 14.44 1.69
N LYS A 29 8.54 15.35 0.80
CA LYS A 29 9.78 16.10 1.00
C LYS A 29 9.72 16.90 2.31
N ASP A 30 8.60 17.61 2.53
CA ASP A 30 8.40 18.36 3.77
C ASP A 30 7.16 17.91 4.53
N SER A 31 6.58 16.77 4.17
CA SER A 31 5.32 16.30 4.72
C SER A 31 5.48 14.87 5.21
N SER A 32 4.59 14.50 6.12
CA SER A 32 4.56 13.13 6.63
C SER A 32 4.27 12.13 5.52
N PHE A 33 4.91 10.96 5.60
CA PHE A 33 4.49 9.82 4.79
C PHE A 33 4.14 8.64 5.69
N THR A 34 4.13 8.82 7.01
CA THR A 34 3.73 7.74 7.91
C THR A 34 2.63 8.19 8.84
N SER A 35 1.90 7.20 9.39
CA SER A 35 0.91 7.54 10.40
C SER A 35 0.56 6.33 11.25
N TRP A 36 0.18 6.60 12.48
CA TRP A 36 -0.43 5.57 13.30
C TRP A 36 -1.94 5.58 13.14
N GLN A 37 -2.53 4.40 13.02
CA GLN A 37 -3.98 4.27 12.85
C GLN A 37 -4.52 3.11 13.67
N GLY A 38 -5.81 3.14 13.92
CA GLY A 38 -6.49 2.06 14.62
C GLY A 38 -6.84 2.44 16.05
N THR A 39 -7.89 1.80 16.57
CA THR A 39 -8.34 2.02 17.94
C THR A 39 -7.31 1.52 18.94
N GLY A 40 -6.57 0.48 18.55
CA GLY A 40 -5.48 0.00 19.37
C GLY A 40 -4.38 1.02 19.47
N ALA A 41 -4.06 1.70 18.35
CA ALA A 41 -3.03 2.72 18.42
C ALA A 41 -3.45 3.82 19.41
N GLU A 42 -4.71 4.26 19.30
CA GLU A 42 -5.25 5.22 20.25
C GLU A 42 -5.10 4.74 21.67
N ALA A 43 -5.37 3.46 21.91
CA ALA A 43 -5.27 2.93 23.27
C ALA A 43 -3.85 3.05 23.81
N LEU A 44 -2.86 2.96 22.93
CA LEU A 44 -1.45 3.04 23.29
C LEU A 44 -0.93 4.46 23.25
N GLY A 45 -1.78 5.43 22.95
CA GLY A 45 -1.34 6.81 22.95
C GLY A 45 -0.50 7.17 21.75
N LEU A 46 -0.65 6.44 20.66
CA LEU A 46 0.13 6.66 19.45
C LEU A 46 -0.67 7.43 18.40
N SER A 47 -0.12 8.54 17.91
CA SER A 47 -0.79 9.24 16.82
C SER A 47 0.27 9.98 16.02
N GLY A 48 -0.08 10.40 14.82
CA GLY A 48 0.87 11.12 14.00
C GLY A 48 1.95 10.24 13.37
N ASP A 49 3.12 10.83 13.16
CA ASP A 49 4.18 10.11 12.45
C ASP A 49 4.65 8.91 13.26
N VAL A 50 5.13 7.89 12.55
CA VAL A 50 5.60 6.65 13.17
C VAL A 50 7.10 6.75 13.48
N GLU A 51 7.43 6.83 14.77
CA GLU A 51 8.82 6.86 15.18
C GLU A 51 9.37 5.44 15.07
N SER A 52 10.55 5.31 14.46
CA SER A 52 11.04 3.99 14.11
C SER A 52 11.31 3.15 15.35
N ALA A 53 11.81 3.77 16.43
CA ALA A 53 12.10 2.98 17.63
C ALA A 53 10.83 2.38 18.20
N ARG A 54 9.76 3.17 18.27
CA ARG A 54 8.49 2.65 18.79
C ARG A 54 7.90 1.59 17.86
N PHE A 55 7.99 1.80 16.55
CA PHE A 55 7.56 0.77 15.60
C PHE A 55 8.27 -0.56 15.88
N LYS A 56 9.58 -0.49 16.10
CA LYS A 56 10.37 -1.69 16.31
C LYS A 56 10.06 -2.38 17.62
N GLU A 57 9.77 -1.62 18.68
CA GLU A 57 9.34 -2.27 19.93
C GLU A 57 8.02 -3.02 19.75
N LEU A 58 7.02 -2.39 19.13
CA LEU A 58 5.74 -3.06 18.94
C LEU A 58 5.88 -4.23 17.98
N LEU A 59 6.79 -4.12 17.00
CA LEU A 59 7.01 -5.23 16.09
C LEU A 59 7.31 -6.52 16.83
N VAL A 60 8.08 -6.44 17.92
CA VAL A 60 8.47 -7.62 18.70
C VAL A 60 7.62 -7.82 19.95
N GLY A 61 6.56 -7.02 20.12
CA GLY A 61 5.68 -7.24 21.24
C GLY A 61 6.02 -6.53 22.53
N GLU A 62 6.92 -5.54 22.49
N GLU A 62 6.91 -5.53 22.50
CA GLU A 62 7.25 -4.76 23.69
CA GLU A 62 7.24 -4.75 23.69
C GLU A 62 6.24 -3.60 23.81
C GLU A 62 6.24 -3.61 23.79
N ILE A 63 5.16 -3.82 24.56
CA ILE A 63 4.13 -2.79 24.64
C ILE A 63 4.56 -1.69 25.60
N ASP A 64 5.21 -2.06 26.69
CA ASP A 64 5.78 -1.08 27.61
C ASP A 64 6.86 -1.80 28.39
N THR A 65 7.59 -1.02 29.19
CA THR A 65 8.67 -1.59 29.99
C THR A 65 8.20 -2.76 30.85
N PHE A 66 6.90 -2.84 31.14
CA PHE A 66 6.36 -3.86 32.03
C PHE A 66 5.37 -4.80 31.35
N THR A 67 5.28 -4.79 30.02
CA THR A 67 4.33 -5.61 29.29
C THR A 67 5.00 -6.09 27.99
N HIS A 68 5.34 -7.38 27.96
CA HIS A 68 6.08 -7.97 26.84
C HIS A 68 5.31 -9.19 26.37
N MET A 69 4.80 -9.13 25.13
CA MET A 69 4.06 -10.26 24.61
C MET A 69 4.97 -11.45 24.42
N GLN A 70 4.41 -12.64 24.63
CA GLN A 70 5.04 -13.90 24.25
C GLN A 70 4.06 -14.63 23.33
N ARG A 71 4.45 -14.78 22.07
CA ARG A 71 3.56 -15.27 21.03
C ARG A 71 4.08 -16.54 20.34
N HIS A 72 5.39 -16.78 20.34
CA HIS A 72 5.96 -17.93 19.63
C HIS A 72 5.73 -19.18 20.46
N VAL A 73 4.77 -20.00 20.05
CA VAL A 73 4.64 -21.36 20.57
C VAL A 73 5.37 -22.25 19.57
N GLY A 74 6.61 -22.61 19.90
CA GLY A 74 7.41 -23.42 19.01
C GLY A 74 8.59 -22.69 18.40
N ASP A 75 8.87 -22.98 17.13
CA ASP A 75 10.01 -22.40 16.42
C ASP A 75 9.92 -20.87 16.39
N ALA A 76 10.83 -20.18 17.08
CA ALA A 76 10.76 -18.72 17.15
C ALA A 76 10.98 -18.07 15.80
N LYS A 77 11.62 -18.77 14.85
CA LYS A 77 11.79 -18.25 13.49
C LYS A 77 10.44 -17.98 12.81
N LYS A 78 9.42 -18.70 13.21
CA LYS A 78 8.11 -18.56 12.61
C LYS A 78 7.21 -17.57 13.34
N GLU A 79 7.71 -16.90 14.40
CA GLU A 79 6.87 -15.95 15.13
C GLU A 79 6.36 -14.87 14.17
N ARG A 80 5.05 -14.64 14.15
CA ARG A 80 4.48 -13.57 13.33
C ARG A 80 4.61 -12.25 14.05
N LEU A 81 5.17 -11.28 13.33
CA LEU A 81 5.32 -9.92 13.81
C LEU A 81 4.20 -8.98 13.38
N GLY A 82 3.61 -9.24 12.20
CA GLY A 82 2.53 -8.40 11.71
C GLY A 82 2.23 -8.73 10.27
N TYR A 83 1.32 -7.94 9.69
CA TYR A 83 0.75 -8.20 8.38
C TYR A 83 0.85 -6.92 7.58
N ASP A 84 1.59 -6.95 6.47
CA ASP A 84 1.69 -5.80 5.56
C ASP A 84 0.51 -5.86 4.61
N LEU A 85 -0.47 -4.96 4.83
CA LEU A 85 -1.60 -4.76 3.91
C LEU A 85 -1.14 -3.64 2.98
N THR A 86 -0.68 -4.02 1.78
CA THR A 86 -0.18 -3.04 0.82
C THR A 86 -1.32 -2.63 -0.12
N PHE A 87 -1.76 -1.38 0.00
CA PHE A 87 -2.81 -0.81 -0.84
C PHE A 87 -2.15 -0.01 -1.96
N SER A 88 -2.40 -0.37 -3.22
CA SER A 88 -1.81 0.34 -4.35
C SER A 88 -2.92 1.01 -5.15
N ALA A 89 -2.67 2.23 -5.60
CA ALA A 89 -3.61 2.90 -6.46
C ALA A 89 -3.62 2.27 -7.85
N PRO A 90 -4.70 2.46 -8.61
CA PRO A 90 -4.64 2.13 -10.04
C PRO A 90 -3.47 2.83 -10.72
N LYS A 91 -2.88 2.17 -11.72
CA LYS A 91 -1.67 2.71 -12.35
C LYS A 91 -1.88 4.10 -12.95
N GLY A 92 -3.03 4.35 -13.58
CA GLY A 92 -3.27 5.65 -14.19
C GLY A 92 -3.41 6.75 -13.14
N VAL A 93 -4.04 6.42 -12.03
CA VAL A 93 -4.12 7.36 -10.90
C VAL A 93 -2.71 7.72 -10.42
N SER A 94 -1.86 6.69 -10.29
CA SER A 94 -0.45 6.92 -9.95
C SER A 94 0.26 7.80 -10.98
N MET A 95 0.03 7.58 -12.27
CA MET A 95 0.68 8.31 -13.31
C MET A 95 0.24 9.77 -13.26
N GLN A 96 -1.07 9.96 -13.03
CA GLN A 96 -1.57 11.32 -12.95
C GLN A 96 -0.87 12.07 -11.81
N ALA A 97 -0.81 11.43 -10.63
CA ALA A 97 -0.34 12.11 -9.43
C ALA A 97 1.15 12.36 -9.51
N LEU A 98 1.90 11.45 -10.15
CA LEU A 98 3.35 11.48 -10.08
C LEU A 98 4.01 11.97 -11.35
N ILE A 99 3.29 12.12 -12.44
CA ILE A 99 3.83 12.72 -13.64
C ILE A 99 3.29 14.13 -13.86
N HIS A 100 1.97 14.33 -13.68
CA HIS A 100 1.37 15.67 -13.83
C HIS A 100 1.39 16.39 -12.48
N GLY A 101 0.74 15.81 -11.49
CA GLY A 101 0.80 16.41 -10.16
C GLY A 101 -0.56 16.83 -9.64
N ASP A 102 -0.76 16.52 -8.37
CA ASP A 102 -1.92 16.96 -7.61
C ASP A 102 -1.87 16.26 -6.27
N LYS A 103 -1.48 16.97 -5.22
CA LYS A 103 -1.47 16.42 -3.86
C LYS A 103 -2.84 15.92 -3.43
N THR A 104 -3.91 16.42 -4.03
CA THR A 104 -5.24 15.92 -3.68
C THR A 104 -5.37 14.42 -3.95
N ILE A 105 -4.73 13.93 -4.99
CA ILE A 105 -4.77 12.49 -5.27
C ILE A 105 -4.08 11.69 -4.15
N ILE A 106 -2.95 12.19 -3.63
CA ILE A 106 -2.28 11.54 -2.50
C ILE A 106 -3.19 11.53 -1.27
N GLU A 107 -3.88 12.64 -1.02
CA GLU A 107 -4.78 12.68 0.13
C GLU A 107 -5.97 11.75 -0.06
N ALA A 108 -6.46 11.61 -1.31
CA ALA A 108 -7.56 10.69 -1.59
C ALA A 108 -7.15 9.26 -1.31
N HIS A 109 -5.95 8.90 -1.76
CA HIS A 109 -5.41 7.56 -1.49
C HIS A 109 -5.25 7.30 0.00
N GLU A 110 -4.76 8.29 0.75
CA GLU A 110 -4.60 8.06 2.19
C GLU A 110 -5.94 7.99 2.92
N LYS A 111 -6.95 8.74 2.47
CA LYS A 111 -8.29 8.60 3.04
C LYS A 111 -8.86 7.22 2.79
N ALA A 112 -8.66 6.70 1.57
CA ALA A 112 -9.12 5.37 1.20
C ALA A 112 -8.45 4.27 2.03
N VAL A 113 -7.14 4.38 2.27
CA VAL A 113 -6.44 3.44 3.16
C VAL A 113 -7.03 3.52 4.57
N ALA A 114 -7.21 4.73 5.07
CA ALA A 114 -7.74 4.87 6.42
C ALA A 114 -9.14 4.26 6.55
N ALA A 115 -9.97 4.41 5.52
CA ALA A 115 -11.29 3.79 5.54
C ALA A 115 -11.18 2.27 5.57
N ALA A 116 -10.26 1.70 4.77
CA ALA A 116 -10.07 0.24 4.76
C ALA A 116 -9.53 -0.26 6.10
N VAL A 117 -8.69 0.53 6.77
CA VAL A 117 -8.16 0.14 8.08
C VAL A 117 -9.26 0.18 9.13
N ARG A 118 -10.15 1.19 9.07
CA ARG A 118 -11.28 1.20 10.01
C ARG A 118 -12.13 -0.04 9.81
N GLU A 119 -12.37 -0.42 8.56
CA GLU A 119 -13.14 -1.64 8.33
C GLU A 119 -12.40 -2.89 8.77
N ALA A 120 -11.07 -2.90 8.67
CA ALA A 120 -10.30 -4.08 9.07
C ALA A 120 -10.43 -4.33 10.56
N GLU A 121 -10.62 -3.27 11.34
CA GLU A 121 -10.72 -3.42 12.79
C GLU A 121 -11.91 -4.29 13.17
N LYS A 122 -12.96 -4.27 12.35
CA LYS A 122 -14.12 -5.09 12.64
C LYS A 122 -13.83 -6.57 12.54
N LEU A 123 -12.71 -6.95 11.92
CA LEU A 123 -12.33 -8.34 11.76
C LEU A 123 -11.33 -8.80 12.80
N ALA A 124 -10.92 -7.93 13.73
CA ALA A 124 -9.90 -8.28 14.71
C ALA A 124 -10.47 -9.29 15.70
N GLN A 125 -9.72 -10.37 15.95
CA GLN A 125 -10.13 -11.39 16.89
C GLN A 125 -8.92 -11.83 17.72
N ALA A 126 -9.19 -12.35 18.92
CA ALA A 126 -8.16 -12.92 19.77
C ALA A 126 -8.72 -14.18 20.40
N ARG A 127 -7.83 -15.06 20.86
CA ARG A 127 -8.21 -16.25 21.60
C ARG A 127 -8.19 -15.98 23.09
N THR A 128 -9.08 -16.66 23.81
CA THR A 128 -9.05 -16.69 25.27
C THR A 128 -9.64 -18.02 25.70
N THR A 129 -9.86 -18.20 27.02
CA THR A 129 -10.47 -19.42 27.51
C THR A 129 -11.70 -19.07 28.34
N ARG A 130 -12.71 -19.93 28.27
CA ARG A 130 -13.86 -19.92 29.16
C ARG A 130 -14.13 -21.35 29.60
N GLN A 131 -14.19 -21.58 30.90
CA GLN A 131 -14.42 -22.91 31.44
C GLN A 131 -13.34 -23.87 30.97
N GLY A 132 -12.14 -23.35 30.75
CA GLY A 132 -11.06 -24.18 30.27
C GLY A 132 -11.12 -24.50 28.80
N LYS A 133 -12.12 -23.98 28.08
CA LYS A 133 -12.26 -24.20 26.64
C LYS A 133 -11.72 -23.00 25.89
N SER A 134 -10.92 -23.25 24.84
CA SER A 134 -10.48 -22.13 24.00
C SER A 134 -11.69 -21.58 23.24
N VAL A 135 -11.82 -20.26 23.23
CA VAL A 135 -12.91 -19.59 22.53
C VAL A 135 -12.30 -18.43 21.77
N THR A 136 -13.05 -17.94 20.80
CA THR A 136 -12.65 -16.78 20.01
C THR A 136 -13.45 -15.55 20.43
N GLN A 137 -12.77 -14.40 20.46
CA GLN A 137 -13.39 -13.12 20.84
C GLN A 137 -13.17 -12.07 19.74
N ASN A 138 -14.23 -11.36 19.39
CA ASN A 138 -14.13 -10.18 18.55
C ASN A 138 -13.67 -9.00 19.40
N THR A 139 -12.55 -8.37 19.00
CA THR A 139 -11.95 -7.32 19.81
C THR A 139 -12.09 -5.93 19.25
N ASN A 140 -12.34 -5.78 17.95
CA ASN A 140 -12.59 -4.49 17.32
C ASN A 140 -11.45 -3.48 17.51
N ASN A 141 -10.20 -3.93 17.58
CA ASN A 141 -9.12 -2.95 17.67
C ASN A 141 -7.86 -3.52 17.04
N LEU A 142 -7.16 -2.65 16.30
CA LEU A 142 -5.87 -2.97 15.68
C LEU A 142 -4.91 -1.82 15.96
N VAL A 143 -3.61 -2.13 15.86
CA VAL A 143 -2.50 -1.18 15.94
C VAL A 143 -1.84 -1.17 14.56
N VAL A 144 -1.93 -0.05 13.83
CA VAL A 144 -1.47 -0.03 12.44
C VAL A 144 -0.49 1.11 12.25
N ALA A 145 0.65 0.81 11.61
CA ALA A 145 1.64 1.81 11.21
C ALA A 145 1.64 1.84 9.68
N THR A 146 1.39 3.01 9.06
CA THR A 146 1.32 3.11 7.61
C THR A 146 2.57 3.81 7.05
N PHE A 147 3.00 3.39 5.84
CA PHE A 147 4.20 3.93 5.18
C PHE A 147 3.83 4.13 3.71
N ARG A 148 3.78 5.37 3.23
CA ARG A 148 3.43 5.68 1.84
C ARG A 148 4.68 5.86 0.98
N HIS A 149 4.72 5.15 -0.16
CA HIS A 149 5.80 5.20 -1.13
C HIS A 149 5.25 5.58 -2.50
N GLU A 150 6.06 6.25 -3.31
CA GLU A 150 5.58 6.72 -4.60
C GLU A 150 6.02 5.83 -5.75
N THR A 151 7.03 4.98 -5.57
CA THR A 151 7.61 4.26 -6.70
C THR A 151 7.70 2.79 -6.40
N SER A 152 7.68 2.00 -7.46
CA SER A 152 7.95 0.58 -7.31
C SER A 152 9.46 0.35 -7.32
N ARG A 153 9.85 -0.91 -7.07
CA ARG A 153 11.27 -1.27 -7.08
C ARG A 153 11.89 -1.00 -8.45
N ALA A 154 11.09 -1.13 -9.52
CA ALA A 154 11.56 -0.84 -10.88
C ALA A 154 11.47 0.64 -11.22
N LEU A 155 11.16 1.49 -10.25
CA LEU A 155 11.06 2.93 -10.44
C LEU A 155 9.95 3.29 -11.42
N ASP A 156 8.87 2.51 -11.43
CA ASP A 156 7.65 2.97 -12.06
C ASP A 156 6.90 3.91 -11.11
N PRO A 157 6.05 4.81 -11.64
CA PRO A 157 5.08 5.50 -10.76
C PRO A 157 4.13 4.48 -10.17
N ASP A 158 4.06 4.42 -8.84
CA ASP A 158 3.26 3.37 -8.22
C ASP A 158 2.92 3.76 -6.80
N LEU A 159 1.90 4.60 -6.64
CA LEU A 159 1.53 5.11 -5.33
C LEU A 159 0.97 3.97 -4.50
N HIS A 160 1.51 3.76 -3.31
CA HIS A 160 1.04 2.66 -2.47
C HIS A 160 1.33 2.97 -1.02
N THR A 161 0.54 2.38 -0.13
CA THR A 161 0.79 2.49 1.30
C THR A 161 0.91 1.09 1.88
N HIS A 162 2.00 0.85 2.61
CA HIS A 162 2.13 -0.36 3.42
C HIS A 162 1.42 -0.10 4.74
N ALA A 163 0.26 -0.73 4.95
CA ALA A 163 -0.50 -0.56 6.19
C ALA A 163 -0.11 -1.75 7.06
N PHE A 164 0.86 -1.54 7.96
CA PHE A 164 1.46 -2.63 8.70
C PHE A 164 0.63 -2.88 9.97
N VAL A 165 -0.12 -3.97 9.96
CA VAL A 165 -0.97 -4.37 11.09
C VAL A 165 -0.13 -5.17 12.07
N MET A 166 0.08 -4.61 13.26
CA MET A 166 0.87 -5.34 14.24
C MET A 166 0.15 -6.62 14.66
N ASN A 167 0.94 -7.63 15.01
CA ASN A 167 0.36 -8.89 15.50
C ASN A 167 -0.02 -8.74 16.97
N MET A 168 -1.01 -7.89 17.20
CA MET A 168 -1.50 -7.69 18.58
C MET A 168 -2.94 -7.20 18.50
N THR A 169 -3.72 -7.46 19.55
CA THR A 169 -5.01 -6.79 19.73
C THR A 169 -5.33 -6.84 21.22
N GLN A 170 -6.07 -5.85 21.71
CA GLN A 170 -6.39 -5.79 23.13
C GLN A 170 -7.72 -6.50 23.38
N ARG A 171 -7.69 -7.52 24.25
CA ARG A 171 -8.88 -8.28 24.62
C ARG A 171 -9.76 -7.48 25.59
N GLU A 172 -10.97 -7.98 25.80
CA GLU A 172 -11.91 -7.39 26.74
C GLU A 172 -11.33 -7.28 28.14
N ASP A 173 -10.50 -8.25 28.54
CA ASP A 173 -9.91 -8.21 29.88
C ASP A 173 -8.76 -7.21 29.95
N GLY A 174 -8.46 -6.52 28.86
CA GLY A 174 -7.42 -5.51 28.85
C GLY A 174 -6.06 -6.01 28.45
N GLN A 175 -5.91 -7.31 28.26
CA GLN A 175 -4.62 -7.90 27.92
C GLN A 175 -4.40 -7.83 26.42
N TRP A 176 -3.15 -7.56 26.04
CA TRP A 176 -2.73 -7.55 24.64
C TRP A 176 -2.29 -8.96 24.25
N ARG A 177 -2.90 -9.51 23.20
CA ARG A 177 -2.60 -10.86 22.75
CA ARG A 177 -2.66 -10.87 22.74
C ARG A 177 -2.46 -10.88 21.24
N ALA A 178 -1.94 -12.00 20.73
CA ALA A 178 -1.78 -12.17 19.29
C ALA A 178 -3.11 -12.01 18.56
N LEU A 179 -3.03 -11.51 17.34
CA LEU A 179 -4.22 -11.41 16.50
C LEU A 179 -4.51 -12.80 15.94
N LYS A 180 -5.73 -13.27 16.15
CA LYS A 180 -6.23 -14.41 15.40
C LYS A 180 -6.58 -13.86 14.01
N ASN A 181 -5.79 -14.22 12.99
CA ASN A 181 -5.83 -13.49 11.73
C ASN A 181 -6.81 -14.04 10.70
N ASP A 182 -7.54 -15.10 11.03
CA ASP A 182 -8.40 -15.77 10.04
C ASP A 182 -9.37 -14.82 9.33
N GLU A 183 -10.13 -14.03 10.09
CA GLU A 183 -11.11 -13.15 9.48
C GLU A 183 -10.44 -12.04 8.67
N LEU A 184 -9.31 -11.54 9.13
CA LEU A 184 -8.56 -10.56 8.34
C LEU A 184 -8.18 -11.14 6.99
N MET A 185 -7.57 -12.32 6.99
CA MET A 185 -7.03 -12.91 5.77
C MET A 185 -8.14 -13.23 4.78
N ARG A 186 -9.29 -13.69 5.25
CA ARG A 186 -10.35 -14.11 4.33
C ARG A 186 -11.26 -12.95 3.90
N ASN A 187 -10.94 -11.73 4.29
CA ASN A 187 -11.68 -10.56 3.83
C ASN A 187 -10.80 -9.61 3.02
N LYS A 188 -9.77 -10.17 2.37
CA LYS A 188 -8.88 -9.36 1.55
C LYS A 188 -9.66 -8.65 0.44
N MET A 189 -10.60 -9.34 -0.19
N MET A 189 -10.58 -9.35 -0.21
CA MET A 189 -11.38 -8.72 -1.27
CA MET A 189 -11.36 -8.69 -1.27
C MET A 189 -12.29 -7.60 -0.75
C MET A 189 -12.23 -7.57 -0.70
N HIS A 190 -12.89 -7.80 0.43
CA HIS A 190 -13.73 -6.77 1.02
C HIS A 190 -12.92 -5.52 1.34
N LEU A 191 -11.77 -5.69 1.99
CA LEU A 191 -10.93 -4.54 2.34
C LEU A 191 -10.44 -3.82 1.10
N GLY A 192 -10.09 -4.57 0.06
CA GLY A 192 -9.65 -3.96 -1.18
C GLY A 192 -10.76 -3.18 -1.87
N ASP A 193 -11.99 -3.68 -1.76
CA ASP A 193 -13.16 -3.00 -2.34
C ASP A 193 -13.50 -1.73 -1.56
N VAL A 194 -13.33 -1.75 -0.23
CA VAL A 194 -13.52 -0.54 0.57
C VAL A 194 -12.54 0.55 0.12
N TYR A 195 -11.26 0.16 -0.05
CA TYR A 195 -10.25 1.10 -0.56
C TYR A 195 -10.67 1.66 -1.91
N LYS A 196 -11.09 0.79 -2.82
CA LYS A 196 -11.45 1.25 -4.16
C LYS A 196 -12.64 2.18 -4.11
N GLN A 197 -13.65 1.84 -3.31
CA GLN A 197 -14.85 2.65 -3.24
C GLN A 197 -14.55 4.05 -2.72
N GLU A 198 -13.78 4.13 -1.65
CA GLU A 198 -13.43 5.42 -1.05
C GLU A 198 -12.50 6.22 -1.93
N LEU A 199 -11.56 5.56 -2.61
CA LEU A 199 -10.70 6.28 -3.56
C LEU A 199 -11.54 6.90 -4.69
N ALA A 200 -12.46 6.12 -5.24
CA ALA A 200 -13.28 6.63 -6.34
C ALA A 200 -14.13 7.82 -5.89
N LEU A 201 -14.71 7.75 -4.69
CA LEU A 201 -15.50 8.88 -4.19
C LEU A 201 -14.62 10.11 -4.01
N GLU A 202 -13.45 9.97 -3.39
CA GLU A 202 -12.59 11.12 -3.16
C GLU A 202 -12.08 11.71 -4.48
N LEU A 203 -11.75 10.87 -5.47
CA LEU A 203 -11.35 11.39 -6.79
C LEU A 203 -12.50 12.09 -7.51
N THR A 204 -13.73 11.61 -7.32
CA THR A 204 -14.89 12.29 -7.86
C THR A 204 -15.10 13.65 -7.21
N LYS A 205 -14.90 13.73 -5.89
CA LYS A 205 -14.99 15.02 -5.24
C LYS A 205 -14.00 16.02 -5.84
N ALA A 206 -12.88 15.53 -6.34
CA ALA A 206 -11.83 16.38 -6.88
C ALA A 206 -11.98 16.60 -8.38
N GLY A 207 -13.02 16.03 -9.00
CA GLY A 207 -13.33 16.36 -10.37
C GLY A 207 -12.68 15.50 -11.42
N TYR A 208 -12.07 14.37 -11.04
CA TYR A 208 -11.51 13.43 -12.00
C TYR A 208 -12.57 12.48 -12.52
N GLU A 209 -12.66 12.37 -13.85
CA GLU A 209 -13.56 11.40 -14.46
C GLU A 209 -12.84 10.03 -14.42
N LEU A 210 -13.60 8.98 -14.09
CA LEU A 210 -13.09 7.63 -13.93
C LEU A 210 -13.78 6.72 -14.95
N ARG A 211 -13.05 5.75 -15.46
CA ARG A 211 -13.61 4.70 -16.32
C ARG A 211 -13.67 3.41 -15.52
N TYR A 212 -14.78 2.68 -15.67
CA TYR A 212 -15.12 1.53 -14.83
C TYR A 212 -15.02 0.26 -15.66
N ASN A 213 -14.48 -0.80 -15.05
CA ASN A 213 -14.44 -2.14 -15.62
C ASN A 213 -15.29 -3.04 -14.72
N SER A 214 -16.44 -3.47 -15.25
CA SER A 214 -17.42 -4.22 -14.47
C SER A 214 -16.94 -5.64 -14.18
N LYS A 215 -16.26 -6.28 -15.14
CA LYS A 215 -15.79 -7.65 -14.97
C LYS A 215 -14.86 -7.77 -13.76
N ASN A 216 -13.90 -6.88 -13.65
CA ASN A 216 -12.95 -6.89 -12.54
C ASN A 216 -13.30 -5.95 -11.39
N ASN A 217 -14.40 -5.22 -11.50
CA ASN A 217 -14.74 -4.18 -10.51
C ASN A 217 -13.56 -3.27 -10.18
N THR A 218 -12.95 -2.71 -11.22
CA THR A 218 -11.82 -1.81 -11.09
C THR A 218 -12.13 -0.53 -11.84
N PHE A 219 -11.33 0.51 -11.60
CA PHE A 219 -11.47 1.76 -12.34
C PHE A 219 -10.11 2.37 -12.52
N ASP A 220 -10.04 3.36 -13.41
CA ASP A 220 -8.86 4.19 -13.58
C ASP A 220 -9.28 5.55 -14.13
N MET A 221 -8.32 6.44 -14.24
CA MET A 221 -8.49 7.76 -14.86
C MET A 221 -9.05 7.63 -16.26
N ALA A 222 -10.06 8.42 -16.58
CA ALA A 222 -10.73 8.21 -17.86
C ALA A 222 -10.06 8.91 -19.04
N HIS A 223 -9.15 9.84 -18.80
CA HIS A 223 -8.72 10.71 -19.89
C HIS A 223 -7.50 10.17 -20.64
N PHE A 224 -7.00 8.99 -20.25
CA PHE A 224 -6.13 8.19 -21.09
C PHE A 224 -6.50 6.73 -20.92
N SER A 225 -6.10 5.91 -21.90
CA SER A 225 -6.72 4.61 -22.09
C SER A 225 -5.92 3.48 -21.48
N ASP A 226 -6.58 2.33 -21.33
CA ASP A 226 -5.91 1.13 -20.86
C ASP A 226 -4.78 0.74 -21.81
N GLU A 227 -5.01 0.89 -23.11
CA GLU A 227 -3.97 0.57 -24.08
C GLU A 227 -2.77 1.49 -23.90
N GLN A 228 -3.03 2.77 -23.61
CA GLN A 228 -1.93 3.70 -23.37
C GLN A 228 -1.17 3.33 -22.11
N ILE A 229 -1.88 2.90 -21.08
CA ILE A 229 -1.20 2.54 -19.85
C ILE A 229 -0.36 1.30 -20.09
N ARG A 230 -0.92 0.32 -20.79
CA ARG A 230 -0.16 -0.90 -21.05
C ARG A 230 1.08 -0.60 -21.88
N ALA A 231 0.97 0.31 -22.86
CA ALA A 231 2.16 0.65 -23.64
C ALA A 231 3.21 1.38 -22.80
N PHE A 232 2.76 2.24 -21.90
CA PHE A 232 3.69 2.92 -20.98
C PHE A 232 4.46 1.91 -20.13
N SER A 233 3.76 0.89 -19.63
CA SER A 233 4.39 -0.15 -18.83
C SER A 233 5.36 -0.98 -19.65
N ARG A 234 4.99 -1.29 -20.89
CA ARG A 234 5.93 -2.01 -21.76
C ARG A 234 7.21 -1.21 -21.99
N ARG A 235 7.07 0.07 -22.35
CA ARG A 235 8.24 0.88 -22.61
C ARG A 235 9.06 1.07 -21.33
N SER A 236 8.40 1.24 -20.18
CA SER A 236 9.12 1.37 -18.93
C SER A 236 10.00 0.14 -18.67
N GLU A 237 9.46 -1.04 -18.93
CA GLU A 237 10.23 -2.26 -18.70
C GLU A 237 11.43 -2.33 -19.65
N GLN A 238 11.25 -1.94 -20.92
CA GLN A 238 12.39 -1.93 -21.85
C GLN A 238 13.56 -1.15 -21.25
N ILE A 239 13.28 0.05 -20.78
CA ILE A 239 14.33 0.93 -20.27
C ILE A 239 14.85 0.40 -18.95
N GLU A 240 13.95 0.05 -18.02
CA GLU A 240 14.35 -0.42 -16.69
C GLU A 240 15.33 -1.59 -16.78
N LYS A 241 14.97 -2.61 -17.56
CA LYS A 241 15.75 -3.83 -17.66
C LYS A 241 16.78 -3.80 -18.79
N GLY A 242 16.82 -2.73 -19.57
CA GLY A 242 17.81 -2.65 -20.63
C GLY A 242 17.58 -3.68 -21.71
N LEU A 243 16.32 -3.95 -22.03
CA LEU A 243 15.99 -4.91 -23.07
C LEU A 243 16.39 -4.37 -24.44
N ALA A 244 16.93 -5.26 -25.27
CA ALA A 244 17.34 -4.91 -26.61
C ALA A 244 16.52 -5.71 -27.64
N ALA A 245 16.51 -5.20 -28.87
CA ALA A 245 15.96 -5.96 -29.97
C ALA A 245 16.83 -7.17 -30.27
N MET A 246 16.26 -8.13 -30.99
CA MET A 246 17.04 -9.28 -31.41
C MET A 246 18.07 -8.85 -32.46
N GLY A 247 19.20 -9.55 -32.49
CA GLY A 247 20.23 -9.35 -33.51
C GLY A 247 20.33 -10.52 -34.47
N LEU A 248 20.54 -10.22 -35.74
CA LEU A 248 20.69 -11.28 -36.72
C LEU A 248 22.01 -12.03 -36.56
N THR A 249 23.01 -11.42 -35.95
CA THR A 249 24.30 -12.06 -35.72
C THR A 249 24.62 -11.98 -34.24
N ARG A 250 25.49 -12.89 -33.78
CA ARG A 250 25.89 -12.83 -32.39
C ARG A 250 26.52 -11.47 -32.10
N GLU A 251 27.36 -10.99 -33.04
CA GLU A 251 28.05 -9.72 -32.83
C GLU A 251 27.07 -8.56 -32.67
N THR A 252 26.03 -8.49 -33.50
CA THR A 252 25.01 -7.43 -33.38
C THR A 252 24.20 -7.57 -32.10
N ALA A 253 23.81 -8.81 -31.75
CA ALA A 253 23.07 -9.02 -30.52
C ALA A 253 23.91 -8.62 -29.31
N ASP A 254 25.20 -9.01 -29.30
CA ASP A 254 26.09 -8.62 -28.20
C ASP A 254 26.20 -7.10 -28.07
N ALA A 255 26.37 -6.41 -29.20
CA ALA A 255 26.58 -4.96 -29.18
C ALA A 255 25.31 -4.23 -28.76
N GLN A 256 24.14 -4.73 -29.18
CA GLN A 256 22.89 -4.10 -28.78
C GLN A 256 22.63 -4.32 -27.30
N THR A 257 22.89 -5.53 -26.80
CA THR A 257 22.69 -5.80 -25.39
C THR A 257 23.64 -4.97 -24.54
N LYS A 258 24.92 -4.94 -24.92
CA LYS A 258 25.91 -4.17 -24.18
C LYS A 258 25.50 -2.69 -24.10
N SER A 259 25.12 -2.11 -25.24
CA SER A 259 24.71 -0.70 -25.26
C SER A 259 23.55 -0.45 -24.30
N ARG A 260 22.44 -1.16 -24.49
CA ARG A 260 21.25 -0.95 -23.66
C ARG A 260 21.56 -1.29 -22.21
N HIS A 272 19.25 8.92 -11.59
CA HIS A 272 19.17 8.64 -10.15
C HIS A 272 18.50 9.82 -9.42
N SER A 273 18.52 10.98 -10.05
CA SER A 273 17.70 12.09 -9.58
C SER A 273 16.24 11.78 -9.88
N ARG A 274 15.36 12.05 -8.91
CA ARG A 274 13.93 11.89 -9.15
C ARG A 274 13.47 12.85 -10.25
N GLU A 275 14.11 14.02 -10.35
CA GLU A 275 13.80 14.96 -11.42
C GLU A 275 14.10 14.34 -12.78
N GLU A 276 15.24 13.66 -12.91
CA GLU A 276 15.56 13.00 -14.17
C GLU A 276 14.62 11.83 -14.44
N ILE A 277 14.26 11.09 -13.38
CA ILE A 277 13.34 9.98 -13.56
C ILE A 277 11.98 10.51 -14.00
N HIS A 278 11.56 11.63 -13.41
CA HIS A 278 10.26 12.21 -13.77
C HIS A 278 10.25 12.62 -15.24
N GLN A 279 11.33 13.25 -15.72
CA GLN A 279 11.41 13.60 -17.14
C GLN A 279 11.23 12.38 -18.04
N GLU A 280 11.87 11.25 -17.69
CA GLU A 280 11.70 10.03 -18.48
C GLU A 280 10.23 9.61 -18.50
N TRP A 281 9.57 9.65 -17.35
CA TRP A 281 8.15 9.35 -17.30
C TRP A 281 7.37 10.27 -18.23
N ALA A 282 7.64 11.57 -18.13
CA ALA A 282 6.85 12.55 -18.86
C ALA A 282 7.05 12.38 -20.36
N SER A 283 8.30 12.20 -20.78
CA SER A 283 8.61 12.02 -22.19
C SER A 283 7.97 10.75 -22.72
N ARG A 284 8.06 9.66 -21.95
CA ARG A 284 7.45 8.40 -22.35
C ARG A 284 5.94 8.56 -22.52
N ALA A 285 5.29 9.24 -21.60
CA ALA A 285 3.84 9.41 -21.73
C ALA A 285 3.49 10.30 -22.92
N LYS A 286 4.26 11.35 -23.17
CA LYS A 286 3.96 12.22 -24.31
C LYS A 286 4.04 11.46 -25.61
N THR A 287 5.07 10.64 -25.77
CA THR A 287 5.25 9.92 -27.03
C THR A 287 4.09 8.97 -27.30
N LEU A 288 3.39 8.52 -26.26
CA LEU A 288 2.23 7.66 -26.41
C LEU A 288 0.93 8.46 -26.54
N GLY A 289 1.01 9.77 -26.65
CA GLY A 289 -0.18 10.59 -26.80
C GLY A 289 -1.03 10.76 -25.57
N ILE A 290 -0.47 10.55 -24.38
CA ILE A 290 -1.19 10.78 -23.14
C ILE A 290 -1.19 12.27 -22.85
N ASP A 291 -2.37 12.82 -22.57
CA ASP A 291 -2.54 14.22 -22.17
C ASP A 291 -3.13 14.24 -20.77
N PHE A 292 -2.32 14.62 -19.78
CA PHE A 292 -2.74 14.55 -18.39
C PHE A 292 -3.64 15.72 -17.99
N ASP A 293 -3.83 16.70 -18.87
CA ASP A 293 -4.68 17.86 -18.56
C ASP A 293 -6.13 17.48 -18.80
N ASN A 294 -6.74 16.85 -17.78
CA ASN A 294 -8.13 16.41 -17.85
C ASN A 294 -9.08 17.60 -17.76
N ARG A 295 -10.31 17.41 -18.27
CA ARG A 295 -11.32 18.45 -18.15
C ARG A 295 -12.03 18.26 -16.82
N GLU A 296 -11.53 18.92 -15.78
CA GLU A 296 -12.04 18.68 -14.43
C GLU A 296 -13.55 18.96 -14.36
N TRP A 297 -14.26 18.11 -13.62
CA TRP A 297 -15.69 18.24 -13.32
C TRP A 297 -16.52 18.13 -14.58
N GLN A 298 -15.97 17.50 -15.60
CA GLN A 298 -16.69 17.22 -16.84
C GLN A 298 -16.64 15.71 -17.07
N GLY A 299 -17.53 15.23 -17.91
CA GLY A 299 -17.52 13.82 -18.25
C GLY A 299 -18.51 13.01 -17.46
N ALA A 300 -18.40 11.70 -17.62
CA ALA A 300 -19.38 10.77 -17.09
C ALA A 300 -19.08 10.42 -15.62
N LEU A 301 -20.05 9.75 -15.01
CA LEU A 301 -19.89 9.25 -13.66
C LEU A 301 -20.01 7.72 -13.57
N GLU A 302 -19.11 6.99 -14.23
CA GLU A 302 -19.31 5.55 -14.40
C GLU A 302 -19.18 4.79 -13.08
N VAL A 303 -18.41 5.29 -12.11
CA VAL A 303 -18.15 4.50 -10.93
C VAL A 303 -19.15 4.74 -9.81
N LEU A 304 -19.98 5.77 -9.93
CA LEU A 304 -21.01 6.00 -8.92
C LEU A 304 -22.01 4.85 -8.88
N PHE A 305 -22.45 4.51 -7.67
CA PHE A 305 -23.33 3.36 -7.48
C PHE A 305 -22.70 2.06 -7.97
N GLN A 306 -21.40 1.89 -7.75
CA GLN A 306 -20.72 0.63 -8.08
C GLN A 306 -19.93 0.12 -6.87
C1 GOL B . 12.14 8.77 -21.82
O1 GOL B . 13.02 9.87 -21.73
C2 GOL B . 13.01 7.50 -21.87
O2 GOL B . 13.10 6.86 -20.67
C3 GOL B . 12.38 6.62 -22.92
O3 GOL B . 11.13 6.22 -22.43
H11 GOL B . 11.57 8.81 -22.61
H12 GOL B . 11.53 8.71 -21.07
HO1 GOL B . 12.64 10.51 -22.13
H2 GOL B . 13.91 7.76 -22.12
HO2 GOL B . 13.60 6.17 -20.77
H31 GOL B . 12.97 5.88 -23.10
H32 GOL B . 12.32 7.11 -23.76
HO3 GOL B . 10.62 6.10 -23.10
C1 GOL C . 11.54 2.55 -14.63
O1 GOL C . 10.36 1.77 -14.85
C2 GOL C . 11.49 3.74 -15.57
O2 GOL C . 10.27 4.35 -15.51
C3 GOL C . 12.61 4.67 -15.14
O3 GOL C . 12.79 5.57 -16.23
H11 GOL C . 12.35 2.04 -14.80
H12 GOL C . 11.61 2.87 -13.72
HO1 GOL C . 10.28 1.28 -14.17
H2 GOL C . 11.64 3.46 -16.49
H31 GOL C . 13.40 4.15 -14.94
H32 GOL C . 12.36 5.10 -14.32
HO3 GOL C . 12.92 6.34 -15.87
C1 GOL D . -2.12 8.87 6.59
O1 GOL D . -3.49 9.18 6.53
C2 GOL D . -1.35 10.00 5.86
O2 GOL D . -1.82 11.25 6.21
C3 GOL D . 0.14 9.77 6.26
O3 GOL D . 0.85 10.93 5.86
H11 GOL D . -1.91 8.02 6.17
H12 GOL D . -1.79 8.81 7.50
HO1 GOL D . -3.53 10.01 6.35
H2 GOL D . -1.49 9.93 4.90
H31 GOL D . 0.46 8.96 5.84
H32 GOL D . 0.19 9.61 7.22
HO3 GOL D . 0.26 11.53 5.72
CL CL E . -7.63 20.59 -16.64
MN MN F . 6.79 0.30 -0.85
#